data_5E7G
#
_entry.id   5E7G
#
_cell.length_a   207.390
_cell.length_b   207.390
_cell.length_c   117.870
_cell.angle_alpha   90.000
_cell.angle_beta   90.000
_cell.angle_gamma   120.000
#
_symmetry.space_group_name_H-M   'H 3 2'
#
loop_
_entity.id
_entity.type
_entity.pdbx_description
1 polymer 'IPT/TIG domain-containing protein BACOVA_02650'
2 branched beta-D-glucopyranose-(1-4)-beta-D-glucopyranose-(1-4)-[alpha-D-xylopyranose-(1-6)]beta-D-glucopyranose-(1-4)-[alpha-D-xylopyranose-(1-6)]beta-D-glucopyranose-(1-4)-[alpha-D-xylopyranose-(1-6)]beta-D-glucopyranose-(1-4)-beta-D-glucopyranose
3 non-polymer 'CALCIUM ION'
4 non-polymer 'SULFATE ION'
5 non-polymer 1,2-ETHANEDIOL
6 water water
#
_entity_poly.entity_id   1
_entity_poly.type   'polypeptide(L)'
_entity_poly.pdbx_seq_one_letter_code
;DAIPVIHYIRVTDPAKADSTFTDVNPGTMIVVVGEHLGGTQKVYINDQEVSFNRNYVTSTSIILTVPNELELTGQNPELK
GEIRIETEHGVAAYNMHVLSPAPYITRISATYPIKPGDQMTVIGGNFYEVQAVYLSTEQPAKDGTRPVDVQEITNYEVNN
KYSQITLTAPANLLEEGYLVVECYTSSAVTEFKKNGPKPVVTAVSSTMPVVGSTVTITGQNFIEVSRVNINAEFDIPVGD
ITTSNTFDEISFVLPQAPTQSGHISVTAIGGTVESAEIFYPLENVILNYDGIGSHVWGDCSFVVADGSSAPYVSNGTCLG
ITGTVSASNYWWKQSYSNAQWVNTSIIPGNIPIDDLKLQFECFVKEVFTGPVFQIAMCENFDAALNGYVPVSSFTGKTET
GKWMQCSVSLSSVVADATYQDFLNRNSTHIGVYATNPGSSQATIEVYFDNFRIVRK
;
_entity_poly.pdbx_strand_id   A
#
# COMPACT_ATOMS: atom_id res chain seq x y z
N ASP A 1 -34.84 54.88 -29.86
CA ASP A 1 -35.74 54.27 -30.84
C ASP A 1 -35.04 53.14 -31.60
N ALA A 2 -33.76 53.35 -31.89
CA ALA A 2 -32.97 52.34 -32.59
C ALA A 2 -32.80 51.09 -31.71
N ILE A 3 -32.92 49.92 -32.32
CA ILE A 3 -32.77 48.67 -31.60
C ILE A 3 -31.28 48.39 -31.34
N PRO A 4 -30.91 48.08 -30.08
CA PRO A 4 -29.53 47.71 -29.80
C PRO A 4 -29.16 46.37 -30.41
N VAL A 5 -27.89 46.19 -30.74
CA VAL A 5 -27.43 44.98 -31.42
C VAL A 5 -26.04 44.61 -30.92
N ILE A 6 -25.74 43.31 -30.95
CA ILE A 6 -24.41 42.80 -30.60
C ILE A 6 -23.88 41.99 -31.76
N HIS A 7 -22.71 42.38 -32.28
CA HIS A 7 -22.13 41.72 -33.45
C HIS A 7 -21.17 40.60 -33.04
N TYR A 8 -20.40 40.82 -31.99
CA TYR A 8 -19.43 39.84 -31.53
C TYR A 8 -18.84 40.24 -30.17
N ILE A 9 -18.01 39.37 -29.61
CA ILE A 9 -17.36 39.64 -28.34
C ILE A 9 -15.86 39.32 -28.40
N ARG A 10 -15.04 40.29 -28.01
CA ARG A 10 -13.60 40.12 -27.97
C ARG A 10 -13.13 39.82 -26.55
N VAL A 11 -12.01 39.11 -26.42
CA VAL A 11 -11.51 38.67 -25.13
C VAL A 11 -10.07 39.14 -24.89
N THR A 22 -15.98 32.88 -28.33
CA THR A 22 -17.26 32.66 -27.66
C THR A 22 -17.09 31.98 -26.30
N ASP A 23 -15.97 31.27 -26.11
CA ASP A 23 -15.64 30.67 -24.82
C ASP A 23 -14.87 31.66 -23.96
N VAL A 24 -15.19 31.71 -22.67
CA VAL A 24 -14.59 32.68 -21.77
C VAL A 24 -14.49 32.13 -20.36
N ASN A 25 -13.40 32.48 -19.68
CA ASN A 25 -13.21 32.09 -18.28
C ASN A 25 -13.78 33.15 -17.34
N PRO A 26 -14.31 32.71 -16.19
CA PRO A 26 -14.74 33.70 -15.19
C PRO A 26 -13.60 34.62 -14.78
N GLY A 27 -13.88 35.90 -14.61
CA GLY A 27 -12.88 36.85 -14.14
C GLY A 27 -12.20 37.62 -15.25
N THR A 28 -12.28 37.12 -16.48
CA THR A 28 -11.60 37.78 -17.59
C THR A 28 -12.43 38.94 -18.17
N MET A 29 -11.73 39.91 -18.73
CA MET A 29 -12.36 41.08 -19.34
C MET A 29 -12.86 40.76 -20.74
N ILE A 30 -14.01 41.30 -21.11
CA ILE A 30 -14.53 41.16 -22.45
C ILE A 30 -14.95 42.51 -23.02
N VAL A 31 -15.03 42.57 -24.34
CA VAL A 31 -15.53 43.74 -25.05
C VAL A 31 -16.71 43.33 -25.89
N VAL A 32 -17.88 43.91 -25.60
CA VAL A 32 -19.07 43.67 -26.40
C VAL A 32 -19.14 44.71 -27.49
N VAL A 33 -19.08 44.27 -28.74
CA VAL A 33 -19.13 45.16 -29.90
C VAL A 33 -20.46 45.05 -30.64
N GLY A 34 -21.03 46.20 -30.95
CA GLY A 34 -22.30 46.27 -31.64
C GLY A 34 -22.72 47.70 -31.93
N GLU A 35 -24.04 47.95 -31.91
CA GLU A 35 -24.59 49.25 -32.23
C GLU A 35 -25.65 49.69 -31.23
N HIS A 36 -25.77 51.00 -31.06
CA HIS A 36 -26.80 51.61 -30.23
C HIS A 36 -26.77 51.09 -28.80
N LEU A 37 -25.57 51.10 -28.21
CA LEU A 37 -25.35 50.62 -26.85
C LEU A 37 -24.99 51.74 -25.91
N GLY A 38 -25.09 52.98 -26.39
CA GLY A 38 -24.66 54.14 -25.63
C GLY A 38 -25.38 54.26 -24.30
N GLY A 39 -26.63 53.81 -24.26
CA GLY A 39 -27.46 53.97 -23.08
C GLY A 39 -27.86 52.67 -22.40
N THR A 40 -26.97 51.69 -22.33
CA THR A 40 -27.23 50.48 -21.55
C THR A 40 -27.47 50.85 -20.09
N GLN A 41 -28.53 50.28 -19.51
CA GLN A 41 -28.86 50.50 -18.11
C GLN A 41 -28.47 49.27 -17.29
N LYS A 42 -28.69 48.10 -17.88
CA LYS A 42 -28.48 46.82 -17.20
C LYS A 42 -27.69 45.86 -18.09
N VAL A 43 -26.83 45.05 -17.45
CA VAL A 43 -26.17 43.94 -18.12
C VAL A 43 -26.39 42.65 -17.36
N TYR A 44 -26.60 41.57 -18.10
CA TYR A 44 -26.78 40.25 -17.50
C TYR A 44 -25.93 39.21 -18.21
N ILE A 45 -25.40 38.25 -17.45
CA ILE A 45 -24.72 37.10 -18.00
C ILE A 45 -25.24 35.84 -17.31
N ASN A 46 -25.56 34.83 -18.10
CA ASN A 46 -26.16 33.62 -17.56
C ASN A 46 -27.39 33.92 -16.68
N ASP A 47 -28.22 34.84 -17.17
CA ASP A 47 -29.46 35.24 -16.50
C ASP A 47 -29.20 35.85 -15.12
N GLN A 48 -27.98 36.33 -14.89
CA GLN A 48 -27.61 36.96 -13.62
C GLN A 48 -27.16 38.41 -13.82
N GLU A 49 -27.64 39.28 -12.96
CA GLU A 49 -27.26 40.68 -13.01
C GLU A 49 -25.74 40.82 -12.86
N VAL A 50 -25.14 41.65 -13.70
CA VAL A 50 -23.70 41.88 -13.68
C VAL A 50 -23.42 43.37 -13.61
N SER A 51 -22.52 43.77 -12.73
CA SER A 51 -22.16 45.18 -12.63
C SER A 51 -21.27 45.57 -13.80
N PHE A 52 -21.42 46.81 -14.26
CA PHE A 52 -20.60 47.38 -15.32
C PHE A 52 -20.39 48.84 -15.04
N ASN A 53 -19.34 49.41 -15.62
CA ASN A 53 -19.00 50.82 -15.42
C ASN A 53 -19.43 51.67 -16.61
N ARG A 54 -20.18 52.72 -16.32
CA ARG A 54 -20.75 53.60 -17.34
C ARG A 54 -19.67 54.19 -18.26
N ASN A 55 -18.50 54.47 -17.70
CA ASN A 55 -17.44 55.16 -18.45
C ASN A 55 -16.84 54.30 -19.57
N TYR A 56 -16.97 52.99 -19.45
CA TYR A 56 -16.45 52.09 -20.48
C TYR A 56 -17.51 51.80 -21.56
N VAL A 57 -18.61 52.56 -21.51
CA VAL A 57 -19.71 52.40 -22.45
C VAL A 57 -19.63 53.44 -23.55
N THR A 58 -19.72 52.98 -24.79
CA THR A 58 -19.87 53.85 -25.95
C THR A 58 -21.06 53.35 -26.75
N SER A 59 -21.40 54.06 -27.82
CA SER A 59 -22.52 53.66 -28.66
C SER A 59 -22.20 52.35 -29.37
N THR A 60 -20.92 52.01 -29.45
CA THR A 60 -20.45 50.85 -30.21
C THR A 60 -19.81 49.75 -29.36
N SER A 61 -19.57 50.02 -28.08
CA SER A 61 -18.84 49.07 -27.25
C SER A 61 -19.25 49.09 -25.79
N ILE A 62 -19.23 47.92 -25.18
CA ILE A 62 -19.31 47.75 -23.73
C ILE A 62 -18.10 46.97 -23.26
N ILE A 63 -17.37 47.50 -22.27
CA ILE A 63 -16.29 46.77 -21.63
C ILE A 63 -16.67 46.45 -20.19
N LEU A 64 -16.63 45.16 -19.87
CA LEU A 64 -16.91 44.69 -18.52
C LEU A 64 -16.07 43.45 -18.27
N THR A 65 -16.13 42.95 -17.04
CA THR A 65 -15.44 41.71 -16.68
C THR A 65 -16.44 40.68 -16.18
N VAL A 66 -16.35 39.47 -16.73
CA VAL A 66 -17.19 38.36 -16.31
C VAL A 66 -16.91 38.06 -14.84
N PRO A 67 -17.91 38.20 -13.96
CA PRO A 67 -17.68 37.94 -12.52
C PRO A 67 -17.10 36.57 -12.23
N ASN A 68 -16.20 36.51 -11.26
CA ASN A 68 -15.58 35.25 -10.85
C ASN A 68 -16.60 34.29 -10.24
N GLU A 69 -17.46 34.83 -9.40
CA GLU A 69 -18.42 34.02 -8.66
C GLU A 69 -19.72 33.80 -9.45
N LEU A 70 -19.71 34.09 -10.74
CA LEU A 70 -20.87 33.87 -11.59
C LEU A 70 -21.28 32.40 -11.61
N GLU A 71 -22.54 32.12 -11.32
CA GLU A 71 -23.03 30.75 -11.42
C GLU A 71 -23.05 30.33 -12.89
N LEU A 72 -22.43 29.18 -13.18
CA LEU A 72 -22.20 28.78 -14.56
C LEU A 72 -23.28 27.81 -15.06
N THR A 73 -23.41 27.73 -16.38
CA THR A 73 -24.39 26.86 -17.00
C THR A 73 -24.05 25.40 -16.77
N GLY A 74 -22.77 25.13 -16.50
CA GLY A 74 -22.31 23.78 -16.23
C GLY A 74 -22.92 23.20 -14.97
N GLN A 75 -23.16 24.04 -13.98
CA GLN A 75 -23.69 23.58 -12.69
C GLN A 75 -25.17 23.87 -12.53
N ASN A 76 -25.75 24.59 -13.48
CA ASN A 76 -27.19 24.83 -13.49
C ASN A 76 -27.73 24.92 -14.93
N PRO A 77 -28.46 23.89 -15.39
CA PRO A 77 -28.93 23.87 -16.77
C PRO A 77 -30.08 24.82 -17.05
N GLU A 78 -30.69 25.39 -16.02
CA GLU A 78 -31.79 26.34 -16.20
C GLU A 78 -31.29 27.68 -16.76
N LEU A 79 -30.01 27.96 -16.60
CA LEU A 79 -29.45 29.24 -17.02
C LEU A 79 -29.21 29.29 -18.53
N LYS A 80 -29.62 30.38 -19.16
CA LYS A 80 -29.37 30.60 -20.58
C LYS A 80 -27.95 31.16 -20.76
N GLY A 81 -27.14 30.50 -21.58
CA GLY A 81 -25.76 30.90 -21.80
C GLY A 81 -25.62 32.06 -22.75
N GLU A 82 -26.02 33.24 -22.30
CA GLU A 82 -25.96 34.44 -23.13
C GLU A 82 -25.66 35.66 -22.28
N ILE A 83 -25.11 36.69 -22.93
CA ILE A 83 -25.02 38.00 -22.32
C ILE A 83 -26.22 38.81 -22.83
N ARG A 84 -26.91 39.47 -21.91
CA ARG A 84 -28.10 40.24 -22.23
C ARG A 84 -27.88 41.71 -21.88
N ILE A 85 -28.17 42.59 -22.82
CA ILE A 85 -28.03 44.02 -22.62
C ILE A 85 -29.38 44.72 -22.75
N GLU A 86 -29.67 45.59 -21.78
CA GLU A 86 -30.88 46.41 -21.79
C GLU A 86 -30.51 47.89 -21.88
N THR A 87 -31.01 48.56 -22.91
CA THR A 87 -30.79 49.99 -23.05
C THR A 87 -31.99 50.71 -22.47
N GLU A 88 -32.08 52.00 -22.74
CA GLU A 88 -33.22 52.79 -22.28
C GLU A 88 -34.51 52.20 -22.83
N HIS A 89 -34.45 51.62 -24.03
CA HIS A 89 -35.65 51.19 -24.72
C HIS A 89 -35.59 49.76 -25.27
N GLY A 90 -34.44 49.37 -25.81
CA GLY A 90 -34.31 48.08 -26.45
C GLY A 90 -33.66 47.00 -25.62
N VAL A 91 -33.58 45.79 -26.17
CA VAL A 91 -32.91 44.67 -25.55
C VAL A 91 -32.15 43.88 -26.60
N ALA A 92 -30.95 43.43 -26.24
CA ALA A 92 -30.10 42.66 -27.15
C ALA A 92 -29.46 41.50 -26.40
N ALA A 93 -29.24 40.40 -27.11
CA ALA A 93 -28.66 39.20 -26.51
C ALA A 93 -27.70 38.52 -27.48
N TYR A 94 -26.64 37.95 -26.93
CA TYR A 94 -25.64 37.26 -27.73
C TYR A 94 -25.12 36.05 -26.95
N ASN A 95 -25.06 34.90 -27.60
CA ASN A 95 -24.65 33.68 -26.92
C ASN A 95 -23.15 33.66 -26.64
N MET A 96 -22.80 33.25 -25.44
CA MET A 96 -21.41 33.11 -25.05
C MET A 96 -21.31 32.08 -23.93
N HIS A 97 -20.19 31.38 -23.87
CA HIS A 97 -20.03 30.25 -22.95
C HIS A 97 -18.98 30.53 -21.89
N VAL A 98 -19.42 30.73 -20.66
CA VAL A 98 -18.50 30.91 -19.54
C VAL A 98 -18.04 29.52 -19.07
N LEU A 99 -16.74 29.28 -19.16
CA LEU A 99 -16.16 27.95 -18.96
C LEU A 99 -16.17 27.47 -17.52
N SER A 100 -16.62 26.24 -17.33
CA SER A 100 -16.53 25.60 -16.03
C SER A 100 -15.10 25.10 -15.79
N PRO A 101 -14.75 24.84 -14.52
CA PRO A 101 -13.42 24.30 -14.21
C PRO A 101 -13.20 22.92 -14.86
N ALA A 102 -11.94 22.60 -15.16
CA ALA A 102 -11.61 21.35 -15.82
C ALA A 102 -11.89 20.14 -14.92
N PRO A 103 -12.37 19.04 -15.52
CA PRO A 103 -12.63 17.81 -14.75
C PRO A 103 -11.35 17.13 -14.33
N TYR A 104 -11.41 16.36 -13.24
CA TYR A 104 -10.30 15.51 -12.83
C TYR A 104 -10.88 14.21 -12.31
N ILE A 105 -10.07 13.15 -12.39
CA ILE A 105 -10.44 11.84 -11.86
C ILE A 105 -9.47 11.43 -10.78
N THR A 106 -10.02 11.10 -9.61
CA THR A 106 -9.23 10.64 -8.49
C THR A 106 -8.94 9.15 -8.64
N ARG A 107 -10.01 8.36 -8.73
CA ARG A 107 -9.90 6.91 -8.75
C ARG A 107 -11.19 6.29 -9.26
N ILE A 108 -11.12 5.01 -9.61
CA ILE A 108 -12.30 4.24 -9.98
C ILE A 108 -12.69 3.33 -8.83
N SER A 109 -13.95 3.40 -8.43
CA SER A 109 -14.50 2.53 -7.41
C SER A 109 -15.21 1.37 -8.08
N ALA A 110 -14.71 0.15 -7.86
CA ALA A 110 -15.24 -1.02 -8.55
C ALA A 110 -15.11 -2.30 -7.73
N THR A 111 -15.92 -3.29 -8.08
CA THR A 111 -15.77 -4.64 -7.56
C THR A 111 -15.09 -5.49 -8.62
N TYR A 112 -13.82 -5.80 -8.40
CA TYR A 112 -13.06 -6.55 -9.39
C TYR A 112 -13.27 -8.05 -9.23
N PRO A 113 -13.24 -8.80 -10.34
CA PRO A 113 -13.02 -8.31 -11.71
C PRO A 113 -14.27 -7.65 -12.29
N ILE A 114 -14.08 -6.68 -13.18
CA ILE A 114 -15.21 -6.02 -13.84
C ILE A 114 -15.63 -6.81 -15.07
N LYS A 115 -16.86 -7.32 -15.05
CA LYS A 115 -17.42 -8.03 -16.19
C LYS A 115 -18.37 -7.10 -16.95
N PRO A 116 -18.49 -7.29 -18.27
CA PRO A 116 -19.43 -6.46 -19.05
C PRO A 116 -20.81 -6.38 -18.43
N GLY A 117 -21.31 -5.17 -18.24
CA GLY A 117 -22.60 -4.96 -17.62
C GLY A 117 -22.52 -4.63 -16.13
N ASP A 118 -21.35 -4.84 -15.54
CA ASP A 118 -21.15 -4.53 -14.13
C ASP A 118 -21.14 -3.02 -13.96
N GLN A 119 -21.57 -2.58 -12.79
CA GLN A 119 -21.54 -1.17 -12.44
C GLN A 119 -20.22 -0.82 -11.78
N MET A 120 -19.65 0.32 -12.19
CA MET A 120 -18.49 0.91 -11.54
C MET A 120 -18.71 2.41 -11.37
N THR A 121 -17.91 3.05 -10.53
CA THR A 121 -18.09 4.47 -10.24
C THR A 121 -16.80 5.24 -10.40
N VAL A 122 -16.82 6.20 -11.32
CA VAL A 122 -15.70 7.11 -11.49
C VAL A 122 -15.81 8.21 -10.44
N ILE A 123 -14.73 8.44 -9.71
CA ILE A 123 -14.71 9.44 -8.64
C ILE A 123 -13.72 10.54 -8.94
N GLY A 124 -14.19 11.78 -8.85
CA GLY A 124 -13.34 12.93 -9.09
C GLY A 124 -14.07 14.22 -8.77
N GLY A 125 -13.96 15.19 -9.68
CA GLY A 125 -14.59 16.49 -9.49
C GLY A 125 -14.75 17.28 -10.77
N ASN A 126 -15.62 18.28 -10.70
CA ASN A 126 -15.90 19.15 -11.84
C ASN A 126 -16.37 18.35 -13.05
N PHE A 127 -17.21 17.34 -12.83
CA PHE A 127 -17.76 16.57 -13.94
C PHE A 127 -18.93 17.33 -14.58
N TYR A 128 -18.70 18.59 -14.90
CA TYR A 128 -19.68 19.43 -15.56
C TYR A 128 -19.68 19.14 -17.05
N GLU A 129 -20.86 19.14 -17.66
CA GLU A 129 -20.95 19.15 -19.12
C GLU A 129 -20.28 17.92 -19.76
N VAL A 130 -20.42 16.77 -19.09
CA VAL A 130 -19.91 15.52 -19.64
C VAL A 130 -20.53 15.25 -21.01
N GLN A 131 -19.68 15.16 -22.01
CA GLN A 131 -20.12 14.87 -23.37
C GLN A 131 -20.08 13.37 -23.67
N ALA A 132 -18.95 12.75 -23.39
CA ALA A 132 -18.76 11.33 -23.65
C ALA A 132 -17.88 10.67 -22.57
N VAL A 133 -17.99 9.35 -22.47
CA VAL A 133 -17.10 8.56 -21.62
C VAL A 133 -16.65 7.33 -22.38
N TYR A 134 -15.34 7.09 -22.41
CA TYR A 134 -14.80 5.97 -23.17
C TYR A 134 -13.57 5.34 -22.54
N LEU A 135 -13.35 4.07 -22.88
CA LEU A 135 -12.14 3.34 -22.52
C LEU A 135 -11.22 3.31 -23.73
N SER A 136 -9.92 3.35 -23.50
CA SER A 136 -8.95 3.32 -24.59
C SER A 136 -7.63 2.69 -24.15
N THR A 137 -6.97 2.03 -25.10
CA THR A 137 -5.70 1.36 -24.84
C THR A 137 -4.57 2.37 -24.66
N GLU A 138 -4.78 3.57 -25.19
CA GLU A 138 -3.79 4.64 -25.12
C GLU A 138 -4.48 5.96 -24.78
N GLN A 139 -3.68 6.95 -24.39
CA GLN A 139 -4.21 8.20 -23.86
C GLN A 139 -4.58 9.19 -24.96
N PRO A 140 -5.57 10.06 -24.68
CA PRO A 140 -5.90 11.11 -25.65
C PRO A 140 -4.79 12.15 -25.71
N ALA A 141 -4.70 12.89 -26.81
CA ALA A 141 -3.66 13.91 -26.94
C ALA A 141 -3.95 15.07 -26.01
N LYS A 142 -2.94 15.90 -25.79
CA LYS A 142 -3.09 17.08 -24.94
C LYS A 142 -4.15 18.05 -25.51
N ASP A 143 -4.45 17.89 -26.80
CA ASP A 143 -5.47 18.72 -27.46
C ASP A 143 -6.87 18.23 -27.08
N GLY A 144 -6.92 17.12 -26.35
CA GLY A 144 -8.17 16.43 -26.13
C GLY A 144 -8.44 15.51 -27.30
N THR A 145 -7.57 15.54 -28.30
CA THR A 145 -7.71 14.67 -29.48
C THR A 145 -7.74 13.22 -29.01
N ARG A 146 -8.65 12.48 -29.61
CA ARG A 146 -9.15 11.25 -29.05
C ARG A 146 -8.59 10.06 -29.81
N PRO A 147 -8.03 9.05 -29.10
CA PRO A 147 -7.25 8.01 -29.79
C PRO A 147 -8.02 7.29 -30.91
N VAL A 148 -7.27 6.63 -31.77
CA VAL A 148 -7.84 5.96 -32.94
C VAL A 148 -8.95 4.97 -32.56
N ASP A 149 -8.68 4.14 -31.55
CA ASP A 149 -9.63 3.11 -31.13
C ASP A 149 -10.11 3.35 -29.71
N VAL A 150 -11.42 3.35 -29.51
CA VAL A 150 -11.99 3.56 -28.19
C VAL A 150 -13.24 2.71 -28.00
N GLN A 151 -13.65 2.60 -26.75
CA GLN A 151 -14.77 1.74 -26.35
C GLN A 151 -15.82 2.61 -25.65
N GLU A 152 -16.74 3.15 -26.43
CA GLU A 152 -17.71 4.11 -25.90
C GLU A 152 -18.53 3.51 -24.76
N ILE A 153 -18.66 4.28 -23.68
CA ILE A 153 -19.54 3.92 -22.58
C ILE A 153 -20.83 4.72 -22.75
N THR A 154 -21.89 4.03 -23.14
CA THR A 154 -23.15 4.66 -23.53
C THR A 154 -24.05 4.95 -22.32
N ASN A 155 -24.02 4.04 -21.35
CA ASN A 155 -24.82 4.17 -20.15
C ASN A 155 -24.00 4.73 -18.98
N TYR A 156 -24.17 6.00 -18.67
CA TYR A 156 -23.55 6.60 -17.51
C TYR A 156 -24.47 7.69 -16.95
N GLU A 157 -24.35 7.93 -15.64
CA GLU A 157 -25.08 9.03 -14.99
C GLU A 157 -24.17 9.81 -14.05
N VAL A 158 -24.30 11.14 -14.08
CA VAL A 158 -23.53 12.00 -13.19
C VAL A 158 -24.39 12.41 -11.99
N ASN A 159 -23.80 12.36 -10.81
CA ASN A 159 -24.52 12.72 -9.58
C ASN A 159 -24.69 14.24 -9.46
N ASN A 160 -25.46 14.67 -8.46
CA ASN A 160 -25.81 16.08 -8.33
C ASN A 160 -24.62 16.96 -7.94
N LYS A 161 -23.60 16.37 -7.32
CA LYS A 161 -22.44 17.12 -6.91
C LYS A 161 -21.41 17.24 -8.02
N TYR A 162 -21.64 16.58 -9.15
CA TYR A 162 -20.69 16.57 -10.25
C TYR A 162 -19.35 15.99 -9.79
N SER A 163 -19.42 15.01 -8.90
CA SER A 163 -18.23 14.42 -8.29
C SER A 163 -18.09 12.93 -8.59
N GLN A 164 -19.17 12.32 -9.06
CA GLN A 164 -19.21 10.87 -9.33
C GLN A 164 -20.01 10.51 -10.58
N ILE A 165 -19.40 9.73 -11.46
CA ILE A 165 -20.09 9.18 -12.62
C ILE A 165 -20.28 7.68 -12.44
N THR A 166 -21.53 7.26 -12.21
CA THR A 166 -21.86 5.84 -12.17
C THR A 166 -22.17 5.37 -13.57
N LEU A 167 -21.54 4.27 -13.98
CA LEU A 167 -21.68 3.76 -15.34
C LEU A 167 -21.68 2.23 -15.38
N THR A 168 -22.09 1.68 -16.52
CA THR A 168 -22.08 0.23 -16.73
C THR A 168 -21.01 -0.12 -17.75
N ALA A 169 -20.35 -1.26 -17.52
CA ALA A 169 -19.21 -1.66 -18.33
C ALA A 169 -19.63 -2.20 -19.69
N PRO A 170 -18.94 -1.79 -20.76
CA PRO A 170 -19.29 -2.26 -22.11
C PRO A 170 -18.96 -3.73 -22.33
N ALA A 171 -19.45 -4.30 -23.44
CA ALA A 171 -19.08 -5.65 -23.85
C ALA A 171 -17.68 -5.61 -24.43
N ASN A 172 -16.99 -6.76 -24.38
CA ASN A 172 -15.65 -6.86 -24.95
C ASN A 172 -14.68 -5.91 -24.24
N LEU A 173 -14.71 -5.94 -22.92
CA LEU A 173 -13.97 -4.99 -22.07
C LEU A 173 -12.48 -4.93 -22.36
N LEU A 174 -11.94 -3.71 -22.39
CA LEU A 174 -10.49 -3.53 -22.39
C LEU A 174 -9.92 -4.16 -21.13
N GLU A 175 -8.85 -4.93 -21.30
CA GLU A 175 -8.19 -5.54 -20.16
C GLU A 175 -7.38 -4.49 -19.42
N GLU A 176 -6.62 -3.70 -20.18
CA GLU A 176 -5.81 -2.64 -19.61
C GLU A 176 -5.79 -1.42 -20.52
N GLY A 177 -5.67 -0.24 -19.90
CA GLY A 177 -5.62 0.99 -20.64
C GLY A 177 -6.07 2.15 -19.79
N TYR A 178 -7.01 2.94 -20.32
CA TYR A 178 -7.43 4.17 -19.68
C TYR A 178 -8.95 4.34 -19.74
N LEU A 179 -9.47 5.06 -18.75
CA LEU A 179 -10.84 5.55 -18.78
C LEU A 179 -10.79 7.06 -18.96
N VAL A 180 -11.61 7.59 -19.84
CA VAL A 180 -11.62 9.01 -20.15
C VAL A 180 -13.01 9.61 -19.94
N VAL A 181 -13.05 10.73 -19.23
CA VAL A 181 -14.26 11.52 -19.10
C VAL A 181 -14.09 12.77 -19.93
N GLU A 182 -14.92 12.87 -20.97
CA GLU A 182 -14.82 13.96 -21.95
C GLU A 182 -15.82 15.06 -21.61
N CYS A 183 -15.32 16.22 -21.23
CA CYS A 183 -16.16 17.37 -20.90
C CYS A 183 -15.96 18.50 -21.90
N TYR A 184 -16.84 19.49 -21.85
CA TYR A 184 -16.75 20.66 -22.73
C TYR A 184 -15.42 21.38 -22.55
N THR A 185 -15.04 21.62 -21.30
CA THR A 185 -13.82 22.37 -20.99
C THR A 185 -12.57 21.61 -21.39
N SER A 186 -12.56 20.30 -21.09
CA SER A 186 -11.42 19.45 -21.38
C SER A 186 -11.78 18.00 -21.02
N SER A 187 -10.78 17.12 -21.02
CA SER A 187 -11.00 15.71 -20.72
C SER A 187 -10.13 15.26 -19.54
N ALA A 188 -10.64 14.31 -18.77
CA ALA A 188 -9.90 13.76 -17.65
C ALA A 188 -9.58 12.28 -17.92
N VAL A 189 -8.42 11.84 -17.46
CA VAL A 189 -7.92 10.50 -17.77
C VAL A 189 -7.44 9.80 -16.50
N THR A 190 -7.68 8.50 -16.43
CA THR A 190 -7.16 7.67 -15.35
C THR A 190 -6.89 6.27 -15.89
N GLU A 191 -6.02 5.52 -15.21
CA GLU A 191 -5.73 4.16 -15.63
C GLU A 191 -6.93 3.27 -15.38
N PHE A 192 -7.17 2.35 -16.31
CA PHE A 192 -8.25 1.38 -16.17
C PHE A 192 -7.73 -0.04 -16.36
N LYS A 193 -8.06 -0.90 -15.42
CA LYS A 193 -7.73 -2.32 -15.49
C LYS A 193 -8.95 -3.11 -15.06
N LYS A 194 -9.53 -3.89 -15.97
CA LYS A 194 -10.78 -4.58 -15.69
C LYS A 194 -10.61 -5.58 -14.55
N ASN A 195 -9.36 -6.00 -14.31
CA ASN A 195 -9.04 -6.91 -13.22
C ASN A 195 -8.44 -6.21 -12.00
N GLY A 196 -8.27 -4.90 -12.11
CA GLY A 196 -7.78 -4.11 -10.98
C GLY A 196 -6.27 -4.15 -10.90
N PRO A 197 -5.73 -3.52 -9.85
CA PRO A 197 -4.27 -3.41 -9.64
C PRO A 197 -3.65 -4.73 -9.22
N LYS A 198 -2.36 -4.91 -9.53
CA LYS A 198 -1.61 -6.09 -9.11
C LYS A 198 -1.66 -6.22 -7.59
N PRO A 199 -1.74 -7.45 -7.08
CA PRO A 199 -1.65 -7.58 -5.62
C PRO A 199 -0.27 -7.15 -5.13
N VAL A 200 -0.18 -6.82 -3.85
CA VAL A 200 1.07 -6.36 -3.26
C VAL A 200 1.29 -7.09 -1.93
N VAL A 201 2.55 -7.37 -1.61
CA VAL A 201 2.90 -7.98 -0.33
C VAL A 201 3.70 -6.99 0.49
N THR A 202 3.18 -6.70 1.68
CA THR A 202 3.82 -5.76 2.62
C THR A 202 4.77 -6.48 3.56
N ALA A 203 4.31 -7.61 4.11
CA ALA A 203 5.09 -8.31 5.12
C ALA A 203 4.69 -9.79 5.21
N VAL A 204 5.59 -10.57 5.78
CA VAL A 204 5.33 -11.98 6.03
C VAL A 204 5.64 -12.27 7.50
N SER A 205 4.85 -13.13 8.13
CA SER A 205 4.94 -13.34 9.58
C SER A 205 6.31 -13.86 10.01
N SER A 206 6.99 -14.55 9.10
CA SER A 206 8.29 -15.13 9.41
C SER A 206 9.00 -15.58 8.13
N THR A 207 10.31 -15.77 8.23
CA THR A 207 11.10 -16.26 7.12
C THR A 207 11.32 -17.76 7.27
N MET A 208 11.06 -18.28 8.47
CA MET A 208 11.19 -19.72 8.71
C MET A 208 10.16 -20.21 9.74
N PRO A 209 8.87 -20.11 9.38
CA PRO A 209 7.81 -20.60 10.26
C PRO A 209 7.92 -22.10 10.47
N VAL A 210 7.61 -22.53 11.70
CA VAL A 210 7.62 -23.92 12.08
C VAL A 210 6.52 -24.67 11.32
N VAL A 211 6.83 -25.86 10.85
CA VAL A 211 5.84 -26.71 10.19
C VAL A 211 4.70 -27.01 11.14
N GLY A 212 3.47 -26.78 10.67
CA GLY A 212 2.27 -27.01 11.47
C GLY A 212 1.75 -25.74 12.10
N SER A 213 2.47 -24.64 11.92
CA SER A 213 2.10 -23.35 12.47
C SER A 213 1.59 -22.41 11.38
N THR A 214 1.04 -21.29 11.80
CA THR A 214 0.39 -20.36 10.88
C THR A 214 1.39 -19.40 10.24
N VAL A 215 1.27 -19.27 8.93
CA VAL A 215 1.97 -18.26 8.16
C VAL A 215 0.96 -17.17 7.83
N THR A 216 1.34 -15.91 8.01
CA THR A 216 0.45 -14.79 7.69
C THR A 216 1.14 -13.83 6.74
N ILE A 217 0.39 -13.32 5.78
CA ILE A 217 0.91 -12.43 4.76
C ILE A 217 0.06 -11.17 4.70
N THR A 218 0.73 -10.02 4.81
CA THR A 218 0.08 -8.72 4.75
C THR A 218 0.29 -8.11 3.37
N GLY A 219 -0.72 -7.39 2.91
CA GLY A 219 -0.65 -6.73 1.62
C GLY A 219 -1.96 -6.09 1.22
N GLN A 220 -2.20 -6.03 -0.09
CA GLN A 220 -3.39 -5.39 -0.63
C GLN A 220 -3.81 -6.04 -1.95
N ASN A 221 -5.12 -5.98 -2.23
CA ASN A 221 -5.70 -6.54 -3.45
C ASN A 221 -5.58 -8.06 -3.51
N PHE A 222 -5.69 -8.71 -2.35
CA PHE A 222 -5.76 -10.17 -2.33
C PHE A 222 -7.19 -10.60 -2.68
N ILE A 223 -7.53 -10.46 -3.95
CA ILE A 223 -8.89 -10.68 -4.43
C ILE A 223 -8.95 -11.96 -5.26
N GLU A 224 -9.76 -12.90 -4.80
CA GLU A 224 -9.92 -14.19 -5.46
C GLU A 224 -8.54 -14.83 -5.66
N VAL A 225 -7.87 -15.05 -4.54
CA VAL A 225 -6.56 -15.68 -4.54
C VAL A 225 -6.70 -17.10 -5.10
N SER A 226 -6.01 -17.36 -6.21
CA SER A 226 -6.11 -18.63 -6.90
C SER A 226 -4.85 -19.48 -6.72
N ARG A 227 -3.75 -18.88 -6.27
CA ARG A 227 -2.53 -19.63 -6.05
C ARG A 227 -1.59 -18.99 -5.04
N VAL A 228 -1.04 -19.85 -4.17
CA VAL A 228 0.03 -19.46 -3.26
C VAL A 228 1.15 -20.47 -3.39
N ASN A 229 2.24 -20.07 -4.05
CA ASN A 229 3.36 -20.94 -4.33
C ASN A 229 4.53 -20.70 -3.41
N ILE A 230 5.04 -21.77 -2.81
CA ILE A 230 6.15 -21.69 -1.86
C ILE A 230 7.46 -22.06 -2.53
N ASN A 231 8.33 -21.05 -2.69
CA ASN A 231 9.71 -21.22 -3.19
C ASN A 231 9.82 -22.06 -4.46
N ALA A 232 8.76 -22.03 -5.28
CA ALA A 232 8.72 -22.79 -6.52
C ALA A 232 8.91 -24.30 -6.27
N GLU A 233 8.55 -24.76 -5.08
CA GLU A 233 8.62 -26.18 -4.74
C GLU A 233 7.24 -26.81 -4.71
N PHE A 234 6.30 -26.18 -4.01
CA PHE A 234 4.93 -26.70 -3.91
C PHE A 234 3.93 -25.57 -3.65
N ASP A 235 2.66 -25.85 -3.93
CA ASP A 235 1.58 -24.87 -3.75
C ASP A 235 0.73 -25.22 -2.54
N ILE A 236 0.08 -24.20 -1.97
CA ILE A 236 -0.86 -24.39 -0.87
C ILE A 236 -2.23 -24.66 -1.50
N PRO A 237 -2.91 -25.74 -1.07
CA PRO A 237 -4.25 -25.95 -1.61
C PRO A 237 -5.15 -24.75 -1.33
N VAL A 238 -5.78 -24.23 -2.37
CA VAL A 238 -6.53 -22.96 -2.28
C VAL A 238 -7.56 -22.98 -1.15
N GLY A 239 -8.20 -24.12 -0.95
CA GLY A 239 -9.21 -24.25 0.08
C GLY A 239 -8.64 -24.06 1.49
N ASP A 240 -7.33 -24.17 1.62
CA ASP A 240 -6.68 -24.02 2.92
C ASP A 240 -6.12 -22.62 3.13
N ILE A 241 -6.39 -21.72 2.18
CA ILE A 241 -6.00 -20.33 2.28
C ILE A 241 -7.16 -19.47 2.78
N THR A 242 -7.00 -18.88 3.96
CA THR A 242 -7.96 -17.92 4.48
C THR A 242 -7.56 -16.50 4.08
N THR A 243 -8.52 -15.74 3.54
CA THR A 243 -8.31 -14.34 3.17
C THR A 243 -9.28 -13.45 3.93
N SER A 244 -8.82 -12.26 4.33
CA SER A 244 -9.64 -11.35 5.12
C SER A 244 -10.62 -10.57 4.24
N ASN A 245 -11.71 -10.13 4.86
CA ASN A 245 -12.77 -9.37 4.19
C ASN A 245 -12.22 -8.21 3.38
N THR A 246 -11.22 -7.54 3.95
CA THR A 246 -10.68 -6.31 3.36
C THR A 246 -9.59 -6.58 2.32
N PHE A 247 -9.35 -7.86 2.03
CA PHE A 247 -8.44 -8.28 0.96
C PHE A 247 -7.00 -7.85 1.21
N ASP A 248 -6.62 -7.72 2.47
CA ASP A 248 -5.29 -7.21 2.81
C ASP A 248 -4.50 -8.17 3.70
N GLU A 249 -5.04 -9.36 3.93
CA GLU A 249 -4.33 -10.37 4.70
C GLU A 249 -4.65 -11.79 4.26
N ILE A 250 -3.59 -12.59 4.12
CA ILE A 250 -3.69 -14.00 3.76
C ILE A 250 -3.04 -14.84 4.85
N SER A 251 -3.61 -16.00 5.14
CA SER A 251 -2.97 -16.91 6.10
C SER A 251 -3.25 -18.38 5.79
N PHE A 252 -2.38 -19.25 6.29
CA PHE A 252 -2.49 -20.68 6.05
C PHE A 252 -1.54 -21.40 6.98
N VAL A 253 -1.80 -22.68 7.22
CA VAL A 253 -0.90 -23.51 8.00
C VAL A 253 0.17 -24.09 7.08
N LEU A 254 1.45 -23.94 7.44
CA LEU A 254 2.54 -24.51 6.66
C LEU A 254 2.51 -26.04 6.74
N PRO A 255 2.18 -26.73 5.64
CA PRO A 255 1.97 -28.19 5.72
C PRO A 255 3.25 -29.01 5.64
N GLN A 256 4.32 -28.38 5.15
CA GLN A 256 5.62 -29.03 5.08
C GLN A 256 6.76 -28.01 4.94
N ALA A 257 7.95 -28.41 5.35
CA ALA A 257 9.11 -27.54 5.26
C ALA A 257 9.66 -27.55 3.83
N PRO A 258 9.84 -26.35 3.24
CA PRO A 258 10.55 -26.33 1.95
C PRO A 258 11.94 -26.95 2.07
N THR A 259 12.48 -27.44 0.97
CA THR A 259 13.83 -28.02 0.93
C THR A 259 14.76 -27.13 0.11
N GLN A 260 14.26 -25.96 -0.27
CA GLN A 260 15.06 -24.95 -0.93
C GLN A 260 14.49 -23.58 -0.60
N SER A 261 15.36 -22.58 -0.55
CA SER A 261 14.94 -21.22 -0.28
C SER A 261 14.28 -20.65 -1.53
N GLY A 262 13.56 -19.54 -1.37
CA GLY A 262 12.94 -18.88 -2.49
C GLY A 262 12.05 -17.78 -2.00
N HIS A 263 11.03 -17.45 -2.79
CA HIS A 263 10.02 -16.48 -2.40
C HIS A 263 8.61 -17.08 -2.49
N ILE A 264 7.66 -16.47 -1.77
CA ILE A 264 6.27 -16.83 -1.86
C ILE A 264 5.62 -16.02 -2.98
N SER A 265 4.94 -16.72 -3.90
CA SER A 265 4.21 -16.05 -4.98
C SER A 265 2.71 -16.12 -4.71
N VAL A 266 2.06 -14.97 -4.80
CA VAL A 266 0.62 -14.90 -4.59
C VAL A 266 -0.03 -14.48 -5.90
N THR A 267 -0.91 -15.33 -6.40
CA THR A 267 -1.69 -15.01 -7.59
C THR A 267 -3.09 -14.59 -7.16
N ALA A 268 -3.54 -13.45 -7.68
CA ALA A 268 -4.88 -12.93 -7.43
C ALA A 268 -5.48 -12.47 -8.75
N ILE A 269 -6.67 -11.89 -8.71
CA ILE A 269 -7.33 -11.47 -9.93
C ILE A 269 -6.47 -10.45 -10.69
N GLY A 270 -5.73 -9.65 -9.94
CA GLY A 270 -4.97 -8.55 -10.52
C GLY A 270 -3.58 -8.92 -11.03
N GLY A 271 -3.20 -10.18 -10.82
CA GLY A 271 -1.91 -10.67 -11.28
C GLY A 271 -1.19 -11.47 -10.21
N THR A 272 0.12 -11.63 -10.39
CA THR A 272 0.95 -12.38 -9.45
C THR A 272 2.03 -11.50 -8.86
N VAL A 273 2.36 -11.73 -7.59
CA VAL A 273 3.37 -10.96 -6.88
C VAL A 273 4.19 -11.85 -5.97
N GLU A 274 5.49 -11.55 -5.88
CA GLU A 274 6.42 -12.29 -5.02
C GLU A 274 6.74 -11.52 -3.73
N SER A 275 6.92 -12.25 -2.63
CA SER A 275 7.39 -11.63 -1.40
C SER A 275 8.84 -11.17 -1.63
N ALA A 276 9.25 -10.11 -0.95
CA ALA A 276 10.59 -9.53 -1.15
C ALA A 276 11.65 -10.33 -0.40
N GLU A 277 11.47 -10.47 0.91
CA GLU A 277 12.26 -11.37 1.74
C GLU A 277 12.43 -12.74 1.09
N ILE A 278 13.53 -13.40 1.40
CA ILE A 278 13.74 -14.79 1.06
C ILE A 278 13.08 -15.66 2.11
N PHE A 279 12.14 -16.51 1.67
CA PHE A 279 11.40 -17.42 2.53
C PHE A 279 12.19 -18.71 2.71
N TYR A 280 12.23 -19.20 3.94
CA TYR A 280 12.98 -20.41 4.33
C TYR A 280 14.42 -20.38 3.81
N PRO A 281 15.24 -19.42 4.31
CA PRO A 281 16.67 -19.35 3.97
C PRO A 281 17.47 -20.37 4.76
N LEU A 282 17.36 -21.63 4.34
CA LEU A 282 18.01 -22.73 5.04
C LEU A 282 19.52 -22.53 5.06
N GLU A 283 20.03 -21.89 4.00
CA GLU A 283 21.47 -21.70 3.84
C GLU A 283 21.99 -20.57 4.75
N ASN A 284 21.08 -19.93 5.50
CA ASN A 284 21.44 -18.86 6.44
C ASN A 284 21.34 -19.30 7.89
N VAL A 285 20.97 -20.56 8.11
CA VAL A 285 20.80 -21.09 9.46
C VAL A 285 22.16 -21.34 10.07
N ILE A 286 22.31 -21.02 11.36
CA ILE A 286 23.57 -21.21 12.08
C ILE A 286 23.43 -22.15 13.28
N LEU A 287 22.19 -22.36 13.74
CA LEU A 287 21.93 -23.29 14.84
C LEU A 287 20.45 -23.74 14.85
N ASN A 288 20.22 -25.05 14.73
CA ASN A 288 18.87 -25.59 14.71
C ASN A 288 18.76 -26.86 15.57
N TYR A 289 19.87 -27.27 16.17
CA TYR A 289 19.90 -28.45 17.04
C TYR A 289 19.51 -29.72 16.27
N ASP A 290 19.62 -29.67 14.94
CA ASP A 290 19.28 -30.79 14.09
C ASP A 290 20.37 -31.01 13.04
N GLY A 291 21.63 -30.78 13.42
CA GLY A 291 22.75 -31.02 12.52
C GLY A 291 23.48 -29.75 12.08
N ILE A 292 22.82 -28.61 12.15
CA ILE A 292 23.48 -27.32 11.96
C ILE A 292 23.88 -26.75 13.31
N GLY A 293 25.17 -26.69 13.56
CA GLY A 293 25.68 -26.25 14.86
C GLY A 293 25.47 -27.32 15.91
N SER A 294 25.73 -26.99 17.17
CA SER A 294 25.58 -27.95 18.25
C SER A 294 25.67 -27.36 19.65
N HIS A 295 24.84 -27.87 20.55
CA HIS A 295 24.92 -27.51 21.96
C HIS A 295 26.14 -28.18 22.59
N VAL A 296 26.83 -27.47 23.47
CA VAL A 296 28.00 -28.01 24.16
C VAL A 296 27.68 -28.28 25.64
N TRP A 297 27.27 -27.24 26.35
CA TRP A 297 26.99 -27.36 27.77
C TRP A 297 25.99 -26.30 28.21
N GLY A 298 25.49 -26.45 29.44
CA GLY A 298 24.59 -25.48 30.04
C GLY A 298 23.37 -26.13 30.66
N ASP A 299 22.80 -25.45 31.65
CA ASP A 299 21.59 -25.90 32.31
C ASP A 299 20.36 -25.45 31.52
N CYS A 300 19.85 -26.36 30.70
CA CYS A 300 18.67 -26.11 29.87
C CYS A 300 18.01 -27.43 29.51
N SER A 301 17.10 -27.40 28.54
CA SER A 301 16.48 -28.63 28.05
C SER A 301 16.38 -28.59 26.52
N PHE A 302 16.20 -29.78 25.94
CA PHE A 302 16.00 -29.92 24.49
C PHE A 302 14.84 -30.87 24.21
N VAL A 303 13.87 -30.37 23.45
CA VAL A 303 12.59 -31.03 23.28
C VAL A 303 12.26 -31.22 21.81
N VAL A 304 11.63 -32.34 21.50
CA VAL A 304 10.91 -32.53 20.23
C VAL A 304 9.43 -32.46 20.56
N ALA A 305 8.76 -31.42 20.09
CA ALA A 305 7.36 -31.19 20.40
C ALA A 305 6.50 -32.41 20.02
N ASP A 306 5.53 -32.75 20.87
CA ASP A 306 4.74 -33.98 20.72
C ASP A 306 3.27 -33.72 20.41
N GLY A 307 2.90 -32.47 20.16
CA GLY A 307 1.55 -32.16 19.75
C GLY A 307 0.55 -31.97 20.88
N SER A 308 0.95 -32.30 22.11
CA SER A 308 0.07 -32.19 23.27
C SER A 308 0.52 -31.13 24.29
N SER A 309 1.79 -30.76 24.27
CA SER A 309 2.31 -29.75 25.20
C SER A 309 3.53 -29.03 24.65
N ALA A 310 4.23 -28.32 25.53
CA ALA A 310 5.50 -27.64 25.20
C ALA A 310 5.20 -26.68 24.03
N PRO A 311 6.08 -26.56 23.00
CA PRO A 311 5.58 -25.63 21.98
C PRO A 311 4.63 -26.29 20.96
N TYR A 312 4.14 -27.50 21.27
CA TYR A 312 3.15 -28.23 20.47
C TYR A 312 3.71 -28.75 19.13
N VAL A 313 4.23 -27.83 18.32
CA VAL A 313 4.93 -28.21 17.10
C VAL A 313 6.38 -27.69 17.12
N SER A 314 7.24 -28.35 16.34
CA SER A 314 8.63 -27.92 16.25
C SER A 314 9.31 -28.50 15.02
N ASN A 315 10.30 -27.76 14.49
CA ASN A 315 11.19 -28.29 13.48
C ASN A 315 12.34 -29.08 14.12
N GLY A 316 12.13 -30.38 14.25
CA GLY A 316 13.09 -31.23 14.93
C GLY A 316 13.22 -30.85 16.38
N THR A 317 14.45 -30.86 16.87
CA THR A 317 14.73 -30.49 18.25
C THR A 317 14.83 -28.98 18.38
N CYS A 318 14.42 -28.47 19.54
CA CYS A 318 14.52 -27.04 19.83
C CYS A 318 14.94 -26.84 21.28
N LEU A 319 15.57 -25.69 21.54
CA LEU A 319 16.08 -25.36 22.87
C LEU A 319 14.96 -24.94 23.79
N GLY A 320 15.02 -25.42 25.04
CA GLY A 320 14.05 -25.05 26.06
C GLY A 320 14.69 -24.45 27.30
N ILE A 321 14.22 -23.26 27.66
CA ILE A 321 14.59 -22.62 28.91
C ILE A 321 13.35 -22.40 29.74
N THR A 322 13.16 -23.25 30.75
CA THR A 322 11.92 -23.27 31.52
C THR A 322 12.18 -23.51 32.99
N GLY A 323 11.28 -23.00 33.84
CA GLY A 323 11.37 -23.21 35.27
C GLY A 323 11.01 -21.95 36.01
N THR A 324 11.30 -21.93 37.31
CA THR A 324 11.08 -20.74 38.12
C THR A 324 12.42 -20.13 38.53
N VAL A 325 12.52 -18.81 38.38
CA VAL A 325 13.74 -18.06 38.67
C VAL A 325 13.55 -17.21 39.93
N SER A 326 14.41 -17.42 40.91
CA SER A 326 14.44 -16.57 42.10
C SER A 326 14.74 -15.13 41.70
N ALA A 327 14.31 -14.17 42.51
CA ALA A 327 14.63 -12.77 42.27
C ALA A 327 16.15 -12.56 42.36
N SER A 328 16.64 -11.57 41.61
CA SER A 328 18.07 -11.26 41.55
C SER A 328 18.96 -12.49 41.34
N ASN A 329 18.59 -13.33 40.37
CA ASN A 329 19.42 -14.47 39.96
C ASN A 329 20.16 -14.12 38.67
N TYR A 330 21.48 -13.93 38.78
CA TYR A 330 22.29 -13.46 37.66
C TYR A 330 23.05 -14.60 36.98
N TRP A 331 22.74 -15.83 37.36
CA TRP A 331 23.21 -17.01 36.64
C TRP A 331 22.28 -18.20 36.86
N TRP A 332 21.29 -18.34 35.98
CA TRP A 332 20.24 -19.34 36.14
C TRP A 332 20.41 -20.44 35.10
N LYS A 333 19.70 -20.31 33.97
CA LYS A 333 19.73 -21.33 32.93
C LYS A 333 20.24 -20.75 31.61
N GLN A 334 20.93 -21.58 30.84
CA GLN A 334 21.57 -21.09 29.63
C GLN A 334 21.99 -22.23 28.71
N SER A 335 22.31 -21.88 27.47
CA SER A 335 22.86 -22.82 26.51
C SER A 335 24.07 -22.22 25.80
N TYR A 336 25.21 -22.89 25.95
CA TYR A 336 26.45 -22.51 25.27
C TYR A 336 26.63 -23.46 24.10
N SER A 337 26.54 -22.93 22.88
CA SER A 337 26.57 -23.77 21.69
C SER A 337 27.66 -23.36 20.71
N ASN A 338 27.96 -24.26 19.78
CA ASN A 338 28.79 -23.96 18.63
C ASN A 338 27.94 -23.72 17.40
N ALA A 339 28.02 -22.51 16.86
CA ALA A 339 27.28 -22.17 15.66
C ALA A 339 28.05 -22.61 14.44
N GLN A 340 27.37 -22.62 13.30
CA GLN A 340 27.99 -22.84 12.02
C GLN A 340 27.68 -21.60 11.20
N TRP A 341 28.63 -20.66 11.17
CA TRP A 341 28.37 -19.36 10.57
C TRP A 341 28.04 -19.53 9.08
N VAL A 342 27.32 -18.55 8.55
CA VAL A 342 26.92 -18.53 7.16
C VAL A 342 28.14 -18.38 6.25
N ASN A 343 28.23 -19.24 5.25
CA ASN A 343 29.31 -19.16 4.26
C ASN A 343 29.39 -17.80 3.57
N THR A 344 30.60 -17.43 3.16
CA THR A 344 30.81 -16.16 2.48
C THR A 344 30.22 -16.18 1.08
N SER A 345 30.02 -17.38 0.53
CA SER A 345 29.35 -17.53 -0.76
C SER A 345 27.95 -16.92 -0.71
N ILE A 346 27.35 -16.96 0.47
CA ILE A 346 26.01 -16.43 0.70
C ILE A 346 26.03 -14.98 1.24
N ILE A 347 26.78 -14.76 2.32
CA ILE A 347 27.02 -13.41 2.84
C ILE A 347 28.50 -13.04 2.65
N PRO A 348 28.81 -12.24 1.62
CA PRO A 348 30.20 -11.83 1.35
C PRO A 348 30.90 -11.19 2.56
N GLY A 349 32.21 -11.40 2.66
CA GLY A 349 32.99 -10.85 3.76
C GLY A 349 32.86 -9.35 3.94
N ASN A 350 32.66 -8.61 2.86
CA ASN A 350 32.65 -7.15 2.92
C ASN A 350 31.28 -6.54 3.26
N ILE A 351 30.29 -7.39 3.57
CA ILE A 351 29.00 -6.89 4.01
C ILE A 351 29.10 -6.32 5.44
N PRO A 352 28.67 -5.07 5.63
CA PRO A 352 28.70 -4.52 7.00
C PRO A 352 27.79 -5.27 7.97
N ILE A 353 28.25 -5.41 9.21
CA ILE A 353 27.43 -5.98 10.26
C ILE A 353 26.13 -5.19 10.36
N ASP A 354 26.24 -3.88 10.12
CA ASP A 354 25.09 -2.97 10.21
C ASP A 354 23.97 -3.34 9.23
N ASP A 355 24.31 -4.09 8.19
CA ASP A 355 23.35 -4.50 7.17
C ASP A 355 22.80 -5.90 7.40
N LEU A 356 23.09 -6.48 8.57
CA LEU A 356 22.69 -7.85 8.87
C LEU A 356 21.83 -7.93 10.11
N LYS A 357 21.01 -8.98 10.19
CA LYS A 357 20.20 -9.19 11.38
C LYS A 357 20.18 -10.65 11.77
N LEU A 358 20.07 -10.88 13.07
CA LEU A 358 19.90 -12.22 13.63
C LEU A 358 18.41 -12.48 13.83
N GLN A 359 17.94 -13.62 13.32
CA GLN A 359 16.55 -14.03 13.50
C GLN A 359 16.48 -15.39 14.17
N PHE A 360 15.41 -15.65 14.90
CA PHE A 360 15.14 -16.98 15.41
C PHE A 360 13.65 -17.14 15.74
N GLU A 361 13.16 -18.37 15.75
CA GLU A 361 11.79 -18.63 16.16
C GLU A 361 11.77 -18.80 17.66
N CYS A 362 10.80 -18.14 18.29
CA CYS A 362 10.64 -18.19 19.73
C CYS A 362 9.20 -18.52 20.12
N PHE A 363 9.04 -19.26 21.20
CA PHE A 363 7.74 -19.59 21.73
C PHE A 363 7.71 -19.28 23.21
N VAL A 364 6.80 -18.38 23.60
CA VAL A 364 6.61 -18.02 25.00
C VAL A 364 5.25 -18.53 25.48
N LYS A 365 5.26 -19.39 26.49
CA LYS A 365 4.03 -19.92 27.06
C LYS A 365 3.18 -18.83 27.68
N GLU A 366 3.83 -18.01 28.51
CA GLU A 366 3.16 -16.90 29.18
C GLU A 366 4.12 -15.73 29.42
N VAL A 367 3.58 -14.51 29.35
CA VAL A 367 4.37 -13.32 29.62
C VAL A 367 4.91 -13.36 31.04
N PHE A 368 5.99 -12.64 31.26
CA PHE A 368 6.66 -12.64 32.55
C PHE A 368 7.23 -11.25 32.83
N THR A 369 7.64 -11.03 34.08
CA THR A 369 8.19 -9.74 34.49
C THR A 369 9.44 -9.98 35.34
N GLY A 370 10.57 -9.50 34.83
CA GLY A 370 11.84 -9.63 35.51
C GLY A 370 12.87 -10.37 34.69
N PRO A 371 12.58 -11.64 34.35
CA PRO A 371 13.51 -12.46 33.58
C PRO A 371 13.87 -11.86 32.22
N VAL A 372 15.13 -11.97 31.84
CA VAL A 372 15.61 -11.45 30.56
C VAL A 372 16.62 -12.42 29.97
N PHE A 373 16.91 -12.21 28.69
CA PHE A 373 17.86 -13.06 27.97
C PHE A 373 19.07 -12.28 27.49
N GLN A 374 20.22 -12.95 27.49
CA GLN A 374 21.43 -12.44 26.87
C GLN A 374 21.82 -13.33 25.69
N ILE A 375 22.13 -12.70 24.56
CA ILE A 375 22.63 -13.41 23.39
C ILE A 375 24.04 -12.91 23.07
N ALA A 376 25.00 -13.84 23.08
CA ALA A 376 26.41 -13.51 22.88
C ALA A 376 27.05 -14.38 21.80
N MET A 377 27.99 -13.80 21.05
CA MET A 377 28.74 -14.52 20.03
C MET A 377 30.26 -14.33 20.17
N CYS A 378 31.01 -15.39 19.87
CA CYS A 378 32.46 -15.33 19.76
C CYS A 378 33.16 -14.89 21.04
N GLU A 379 32.55 -15.20 22.18
CA GLU A 379 33.12 -14.90 23.49
C GLU A 379 33.29 -13.39 23.72
N ASN A 380 32.76 -12.57 22.82
CA ASN A 380 32.77 -11.13 23.03
C ASN A 380 31.55 -10.67 23.83
N PHE A 381 31.60 -10.87 25.14
CA PHE A 381 30.47 -10.51 25.99
C PHE A 381 30.29 -9.00 26.13
N ASP A 382 31.34 -8.24 25.83
CA ASP A 382 31.21 -6.79 25.78
C ASP A 382 30.20 -6.35 24.75
N ALA A 383 30.17 -7.02 23.60
CA ALA A 383 29.30 -6.66 22.50
C ALA A 383 27.93 -7.34 22.58
N ALA A 384 27.74 -8.23 23.55
CA ALA A 384 26.54 -9.07 23.63
C ALA A 384 25.25 -8.28 23.78
N LEU A 385 24.16 -8.86 23.29
CA LEU A 385 22.82 -8.34 23.50
C LEU A 385 22.37 -8.71 24.91
N ASN A 386 21.94 -7.71 25.69
CA ASN A 386 21.53 -7.92 27.08
C ASN A 386 20.14 -7.41 27.39
N GLY A 387 19.54 -7.99 28.43
CA GLY A 387 18.23 -7.59 28.90
C GLY A 387 17.14 -7.75 27.85
N TYR A 388 17.30 -8.71 26.95
CA TYR A 388 16.36 -8.87 25.85
C TYR A 388 15.12 -9.64 26.24
N VAL A 389 13.96 -9.04 25.97
CA VAL A 389 12.68 -9.74 26.11
C VAL A 389 12.14 -10.08 24.72
N PRO A 390 11.90 -11.38 24.43
CA PRO A 390 11.42 -11.77 23.11
C PRO A 390 10.13 -11.08 22.66
N VAL A 391 10.15 -10.48 21.48
CA VAL A 391 8.97 -9.85 20.88
C VAL A 391 8.93 -10.14 19.38
N SER A 392 7.71 -10.17 18.83
CA SER A 392 7.52 -10.52 17.43
C SER A 392 7.91 -9.40 16.49
N SER A 393 8.66 -9.73 15.45
CA SER A 393 8.95 -8.78 14.39
C SER A 393 7.72 -8.45 13.57
N PHE A 394 6.66 -9.23 13.73
CA PHE A 394 5.46 -9.07 12.93
C PHE A 394 4.44 -8.16 13.61
N THR A 395 4.24 -8.36 14.91
CA THR A 395 3.24 -7.60 15.68
C THR A 395 3.87 -6.59 16.64
N GLY A 396 5.12 -6.81 17.02
CA GLY A 396 5.81 -5.94 17.95
C GLY A 396 5.56 -6.33 19.40
N LYS A 397 4.59 -7.20 19.62
CA LYS A 397 4.23 -7.63 20.98
C LYS A 397 4.93 -8.94 21.35
N THR A 398 4.87 -9.29 22.64
CA THR A 398 5.34 -10.60 23.08
C THR A 398 4.19 -11.60 22.95
N GLU A 399 4.10 -12.25 21.79
CA GLU A 399 3.05 -13.24 21.54
C GLU A 399 3.23 -14.43 22.47
N THR A 400 2.11 -15.08 22.82
CA THR A 400 2.16 -16.26 23.68
C THR A 400 1.31 -17.40 23.09
N GLY A 401 1.68 -18.63 23.47
CA GLY A 401 0.92 -19.79 23.04
C GLY A 401 1.13 -20.18 21.59
N LYS A 402 2.09 -19.53 20.93
CA LYS A 402 2.42 -19.81 19.54
C LYS A 402 3.84 -19.33 19.19
N TRP A 403 4.38 -19.84 18.09
CA TRP A 403 5.70 -19.46 17.65
C TRP A 403 5.69 -18.05 17.06
N MET A 404 6.79 -17.33 17.21
CA MET A 404 6.95 -16.03 16.58
C MET A 404 8.38 -15.86 16.07
N GLN A 405 8.54 -15.02 15.05
CA GLN A 405 9.88 -14.66 14.60
C GLN A 405 10.39 -13.48 15.44
N CYS A 406 11.54 -13.67 16.06
CA CYS A 406 12.24 -12.59 16.76
C CYS A 406 13.40 -12.15 15.88
N SER A 407 13.58 -10.83 15.76
CA SER A 407 14.64 -10.28 14.91
C SER A 407 15.34 -9.09 15.60
N VAL A 408 16.67 -9.11 15.59
CA VAL A 408 17.48 -8.01 16.11
C VAL A 408 18.62 -7.70 15.16
N SER A 409 19.03 -6.43 15.12
CA SER A 409 20.22 -6.03 14.36
C SER A 409 21.41 -6.85 14.85
N LEU A 410 22.20 -7.36 13.91
CA LEU A 410 23.36 -8.15 14.27
C LEU A 410 24.38 -7.31 15.04
N SER A 411 24.37 -6.00 14.83
CA SER A 411 25.32 -5.12 15.51
C SER A 411 25.05 -5.05 17.01
N SER A 412 23.87 -5.48 17.43
CA SER A 412 23.55 -5.48 18.86
C SER A 412 24.18 -6.68 19.58
N VAL A 413 24.81 -7.55 18.82
CA VAL A 413 25.49 -8.74 19.35
C VAL A 413 26.95 -8.78 18.90
N VAL A 414 27.23 -8.13 17.77
CA VAL A 414 28.55 -8.14 17.14
C VAL A 414 29.08 -6.72 17.03
N ALA A 415 30.29 -6.47 17.53
CA ALA A 415 30.86 -5.12 17.53
C ALA A 415 31.69 -4.83 16.28
N ASP A 416 31.95 -5.86 15.49
CA ASP A 416 32.83 -5.70 14.33
C ASP A 416 32.18 -4.92 13.19
N ALA A 417 33.01 -4.48 12.25
CA ALA A 417 32.60 -3.62 11.15
C ALA A 417 31.92 -4.40 10.03
N THR A 418 32.69 -5.29 9.39
CA THR A 418 32.19 -6.15 8.32
C THR A 418 32.07 -7.59 8.79
N TYR A 419 31.38 -8.39 8.00
CA TYR A 419 31.14 -9.79 8.32
C TYR A 419 32.44 -10.59 8.37
N GLN A 420 33.42 -10.20 7.56
CA GLN A 420 34.72 -10.89 7.57
C GLN A 420 35.49 -10.62 8.87
N ASP A 421 35.38 -9.40 9.40
CA ASP A 421 36.01 -9.07 10.68
C ASP A 421 35.43 -9.97 11.78
N PHE A 422 34.11 -10.16 11.71
CA PHE A 422 33.42 -11.06 12.64
C PHE A 422 34.01 -12.47 12.50
N LEU A 423 34.14 -12.93 11.26
CA LEU A 423 34.63 -14.26 10.98
C LEU A 423 36.08 -14.44 11.43
N ASN A 424 36.85 -13.36 11.34
CA ASN A 424 38.26 -13.42 11.70
C ASN A 424 38.51 -13.70 13.18
N ARG A 425 37.47 -13.61 14.00
CA ARG A 425 37.61 -13.95 15.41
C ARG A 425 37.81 -15.46 15.58
N ASN A 426 37.50 -16.21 14.52
CA ASN A 426 37.62 -17.67 14.52
C ASN A 426 37.08 -18.33 15.79
N SER A 427 35.90 -17.89 16.21
CA SER A 427 35.18 -18.52 17.31
C SER A 427 33.76 -18.85 16.87
N THR A 428 33.32 -20.06 17.17
CA THR A 428 31.97 -20.50 16.79
C THR A 428 30.99 -20.36 17.94
N HIS A 429 31.40 -19.71 19.02
CA HIS A 429 30.54 -19.58 20.19
C HIS A 429 29.29 -18.77 19.89
N ILE A 430 28.14 -19.37 20.18
CA ILE A 430 26.89 -18.62 20.36
C ILE A 430 26.31 -19.07 21.69
N GLY A 431 25.74 -18.12 22.43
CA GLY A 431 25.28 -18.39 23.78
C GLY A 431 23.99 -17.66 24.08
N VAL A 432 23.08 -18.37 24.73
CA VAL A 432 21.81 -17.81 25.17
C VAL A 432 21.72 -18.00 26.68
N TYR A 433 21.58 -16.90 27.41
CA TYR A 433 21.65 -16.93 28.87
C TYR A 433 20.41 -16.29 29.45
N ALA A 434 19.72 -17.03 30.31
CA ALA A 434 18.53 -16.53 31.01
C ALA A 434 18.87 -16.14 32.45
N THR A 435 18.44 -14.95 32.85
CA THR A 435 18.68 -14.44 34.20
C THR A 435 17.45 -13.67 34.68
N ASN A 436 17.42 -13.35 35.97
CA ASN A 436 16.33 -12.56 36.56
C ASN A 436 16.85 -11.43 37.45
N PRO A 437 17.12 -10.25 36.86
CA PRO A 437 17.49 -9.08 37.65
C PRO A 437 16.30 -8.43 38.37
N GLY A 438 15.12 -9.03 38.22
CA GLY A 438 13.89 -8.47 38.77
C GLY A 438 13.78 -8.63 40.28
N SER A 439 13.00 -7.73 40.88
CA SER A 439 12.83 -7.70 42.32
C SER A 439 11.97 -8.87 42.81
N SER A 440 11.00 -9.28 42.00
CA SER A 440 10.13 -10.40 42.32
C SER A 440 10.48 -11.63 41.48
N GLN A 441 10.38 -12.81 42.09
CA GLN A 441 10.60 -14.05 41.35
C GLN A 441 9.59 -14.18 40.23
N ALA A 442 9.87 -15.09 39.31
CA ALA A 442 9.00 -15.33 38.18
C ALA A 442 9.23 -16.74 37.62
N THR A 443 8.26 -17.26 36.90
CA THR A 443 8.40 -18.57 36.27
C THR A 443 8.12 -18.40 34.77
N ILE A 444 8.95 -19.04 33.96
CA ILE A 444 8.90 -18.86 32.51
C ILE A 444 8.99 -20.19 31.77
N GLU A 445 8.48 -20.20 30.55
CA GLU A 445 8.62 -21.34 29.66
C GLU A 445 8.83 -20.82 28.24
N VAL A 446 10.08 -20.87 27.77
CA VAL A 446 10.45 -20.32 26.48
C VAL A 446 11.24 -21.32 25.64
N TYR A 447 10.98 -21.34 24.34
CA TYR A 447 11.66 -22.24 23.43
C TYR A 447 12.26 -21.48 22.27
N PHE A 448 13.39 -21.97 21.76
CA PHE A 448 14.14 -21.33 20.68
C PHE A 448 14.51 -22.32 19.58
N ASP A 449 14.53 -21.85 18.33
CA ASP A 449 14.98 -22.70 17.23
C ASP A 449 15.36 -21.86 16.01
N ASN A 450 16.16 -22.46 15.13
CA ASN A 450 16.45 -21.88 13.81
C ASN A 450 17.11 -20.49 13.86
N PHE A 451 18.14 -20.35 14.67
CA PHE A 451 18.94 -19.14 14.65
C PHE A 451 19.53 -19.01 13.26
N ARG A 452 19.39 -17.81 12.70
CA ARG A 452 19.81 -17.55 11.34
C ARG A 452 20.25 -16.10 11.19
N ILE A 453 21.19 -15.86 10.27
CA ILE A 453 21.68 -14.52 9.98
C ILE A 453 21.39 -14.20 8.52
N VAL A 454 20.65 -13.11 8.31
CA VAL A 454 20.21 -12.72 6.98
C VAL A 454 20.40 -11.23 6.78
N ARG A 455 20.33 -10.82 5.52
CA ARG A 455 20.42 -9.42 5.17
C ARG A 455 19.19 -8.66 5.64
N LYS A 456 19.40 -7.41 6.04
CA LYS A 456 18.29 -6.54 6.43
C LYS A 456 17.44 -6.22 5.21
#